data_2HCH
#
_entry.id   2HCH
#
_cell.length_a   65.66
_cell.length_b   84.77
_cell.length_c   94.92
_cell.angle_alpha   90.00
_cell.angle_beta   90.00
_cell.angle_gamma   90.00
#
_symmetry.space_group_name_H-M   'P 21 21 21'
#
loop_
_entity.id
_entity.type
_entity.pdbx_description
1 polymer Endoplasmin
2 non-polymer "5'-N-[(2-AMINO)ETHYL CARBOXAMIDO] ADENOSINE"
3 non-polymer 'TETRAETHYLENE GLYCOL'
4 non-polymer 'PENTAETHYLENE GLYCOL'
5 water water
#
_entity_poly.entity_id   1
_entity_poly.type   'polypeptide(L)'
_entity_poly.pdbx_seq_one_letter_code
;GSHMLREKSEKFAFQAEVNRMMKLIINSLYKNKEIFLRELISNASDALDKIRLISLTDENALAGNEELTVKIKCDKEKNL
LHVTDTGVGMTREELVKNLGTIAKSGTSEFLNKMTEAQEDGQSTSELIGQFGVGFYSAFLVADKVIVTSKHNNDTQHIWE
SDSNEFSVIADPRGNTLGRGTTITLVLKEEASDYLELDTIKNLVKKYSQFINFPIYVWSSKTGGGGKTVWDWELMN
;
_entity_poly.pdbx_strand_id   A,B
#
# COMPACT_ATOMS: atom_id res chain seq x y z
N GLY A 1 20.96 -16.61 -19.44
CA GLY A 1 20.31 -15.32 -19.10
C GLY A 1 19.26 -15.48 -18.02
N SER A 2 19.60 -16.26 -17.00
CA SER A 2 18.69 -16.51 -15.89
C SER A 2 18.89 -15.53 -14.73
N HIS A 3 19.99 -14.77 -14.78
CA HIS A 3 20.29 -13.81 -13.72
C HIS A 3 19.14 -12.88 -13.34
N MET A 4 18.30 -12.54 -14.32
CA MET A 4 17.19 -11.63 -14.11
C MET A 4 16.06 -12.15 -13.21
N LEU A 5 15.63 -13.39 -13.44
CA LEU A 5 14.55 -13.97 -12.65
C LEU A 5 15.02 -14.51 -11.32
N ARG A 6 16.27 -14.97 -11.26
CA ARG A 6 16.82 -15.50 -10.02
C ARG A 6 17.14 -14.38 -9.04
N GLU A 7 17.13 -13.14 -9.54
CA GLU A 7 17.43 -11.96 -8.73
C GLU A 7 16.22 -11.05 -8.54
N LYS A 8 15.13 -11.37 -9.23
CA LYS A 8 13.91 -10.55 -9.14
C LYS A 8 14.24 -9.11 -9.42
N SER A 9 15.02 -8.89 -10.48
CA SER A 9 15.42 -7.55 -10.90
C SER A 9 14.32 -6.87 -11.70
N GLU A 10 13.20 -7.56 -11.83
CA GLU A 10 12.05 -7.05 -12.57
C GLU A 10 10.94 -6.60 -11.61
N LYS A 11 11.13 -6.85 -10.32
CA LYS A 11 10.13 -6.48 -9.33
C LYS A 11 10.45 -5.12 -8.69
N PHE A 12 9.44 -4.26 -8.56
CA PHE A 12 9.65 -2.96 -7.94
C PHE A 12 8.56 -2.65 -6.92
N ALA A 13 8.84 -1.67 -6.07
CA ALA A 13 7.88 -1.21 -5.08
C ALA A 13 7.49 0.19 -5.51
N PHE A 14 6.26 0.61 -5.18
CA PHE A 14 5.82 1.95 -5.54
C PHE A 14 6.42 2.96 -4.57
N GLN A 15 6.53 4.20 -5.03
CA GLN A 15 7.03 5.28 -4.21
C GLN A 15 5.92 5.56 -3.20
N ALA A 16 6.28 5.86 -1.95
CA ALA A 16 5.29 6.12 -0.91
C ALA A 16 4.17 7.05 -1.39
N GLU A 17 4.55 8.16 -2.02
CA GLU A 17 3.59 9.15 -2.53
C GLU A 17 2.52 8.50 -3.40
N VAL A 18 2.96 7.60 -4.29
CA VAL A 18 2.04 6.93 -5.19
C VAL A 18 1.02 6.07 -4.43
N ASN A 19 1.50 5.33 -3.42
CA ASN A 19 0.58 4.52 -2.63
C ASN A 19 -0.47 5.43 -2.03
N ARG A 20 -0.03 6.57 -1.50
CA ARG A 20 -0.95 7.52 -0.88
C ARG A 20 -1.92 8.10 -1.92
N MET A 21 -1.42 8.36 -3.12
N MET A 21 -1.39 8.35 -3.11
CA MET A 21 -2.26 8.92 -4.17
CA MET A 21 -2.21 8.91 -4.19
C MET A 21 -3.32 7.92 -4.61
C MET A 21 -3.29 7.93 -4.65
N MET A 22 -2.92 6.66 -4.75
CA MET A 22 -3.85 5.60 -5.16
C MET A 22 -5.04 5.44 -4.21
N LYS A 23 -4.76 5.48 -2.91
CA LYS A 23 -5.82 5.34 -1.92
C LYS A 23 -6.74 6.53 -2.01
N LEU A 24 -6.15 7.73 -2.05
CA LEU A 24 -6.93 8.94 -2.17
C LEU A 24 -7.87 8.82 -3.36
N ILE A 25 -7.30 8.53 -4.52
CA ILE A 25 -8.11 8.39 -5.73
C ILE A 25 -9.25 7.41 -5.53
N ILE A 26 -8.94 6.22 -5.00
CA ILE A 26 -9.95 5.19 -4.79
C ILE A 26 -10.97 5.52 -3.70
N ASN A 27 -10.54 6.24 -2.67
CA ASN A 27 -11.45 6.61 -1.58
C ASN A 27 -12.49 7.66 -1.97
N SER A 28 -12.07 8.68 -2.69
CA SER A 28 -13.00 9.74 -3.07
C SER A 28 -13.87 9.49 -4.30
N LEU A 29 -13.36 8.75 -5.28
CA LEU A 29 -14.12 8.50 -6.50
C LEU A 29 -14.99 7.25 -6.50
N TYR A 30 -15.13 6.62 -5.35
CA TYR A 30 -15.93 5.40 -5.24
C TYR A 30 -17.34 5.54 -5.81
N LYS A 31 -17.87 6.74 -5.79
CA LYS A 31 -19.22 6.96 -6.30
C LYS A 31 -19.27 7.28 -7.79
N ASN A 32 -18.10 7.54 -8.38
CA ASN A 32 -18.01 7.87 -9.80
C ASN A 32 -16.91 7.05 -10.48
N LYS A 33 -17.06 5.73 -10.49
CA LYS A 33 -16.04 4.85 -11.07
C LYS A 33 -15.84 4.96 -12.59
N GLU A 34 -16.94 5.11 -13.33
N GLU A 34 -16.94 5.09 -13.33
CA GLU A 34 -16.90 5.21 -14.79
CA GLU A 34 -16.89 5.19 -14.79
C GLU A 34 -15.82 6.17 -15.29
C GLU A 34 -15.82 6.16 -15.28
N ILE A 35 -15.46 7.11 -14.43
CA ILE A 35 -14.44 8.11 -14.75
C ILE A 35 -13.10 7.55 -15.22
N PHE A 36 -12.80 6.32 -14.84
CA PHE A 36 -11.52 5.73 -15.21
C PHE A 36 -11.29 5.71 -16.71
N LEU A 37 -12.34 5.43 -17.48
CA LEU A 37 -12.21 5.36 -18.93
C LEU A 37 -11.82 6.70 -19.52
N ARG A 38 -12.46 7.77 -19.05
CA ARG A 38 -12.14 9.09 -19.56
C ARG A 38 -10.65 9.38 -19.38
N GLU A 39 -10.12 9.01 -18.22
CA GLU A 39 -8.72 9.24 -17.89
C GLU A 39 -7.76 8.44 -18.75
N LEU A 40 -8.14 7.22 -19.11
CA LEU A 40 -7.27 6.39 -19.94
C LEU A 40 -7.30 6.92 -21.36
N ILE A 41 -8.46 7.35 -21.80
CA ILE A 41 -8.61 7.89 -23.13
C ILE A 41 -7.87 9.22 -23.20
N SER A 42 -7.90 9.94 -22.10
CA SER A 42 -7.27 11.24 -21.99
C SER A 42 -5.76 11.06 -22.11
N ASN A 43 -5.25 10.04 -21.43
CA ASN A 43 -3.83 9.75 -21.49
C ASN A 43 -3.46 9.29 -22.90
N ALA A 44 -4.35 8.53 -23.53
CA ALA A 44 -4.10 8.04 -24.88
C ALA A 44 -3.95 9.22 -25.82
N SER A 45 -4.86 10.19 -25.69
CA SER A 45 -4.84 11.40 -26.51
C SER A 45 -3.54 12.18 -26.36
N ASP A 46 -2.99 12.23 -25.15
CA ASP A 46 -1.75 12.95 -24.90
C ASP A 46 -0.54 12.29 -25.55
N ALA A 47 -0.57 10.96 -25.61
CA ALA A 47 0.52 10.18 -26.20
C ALA A 47 0.50 10.34 -27.71
N LEU A 48 -0.70 10.43 -28.26
CA LEU A 48 -0.87 10.62 -29.70
C LEU A 48 -0.42 12.04 -30.11
N ASP A 49 -0.62 13.03 -29.23
CA ASP A 49 -0.21 14.41 -29.51
C ASP A 49 1.30 14.42 -29.60
N LYS A 50 1.92 13.77 -28.63
CA LYS A 50 3.38 13.69 -28.55
C LYS A 50 4.05 13.11 -29.78
N ILE A 51 3.61 11.93 -30.20
CA ILE A 51 4.23 11.34 -31.39
C ILE A 51 3.96 12.25 -32.57
N ARG A 52 2.79 12.89 -32.57
CA ARG A 52 2.46 13.79 -33.65
C ARG A 52 3.45 14.94 -33.69
N LEU A 53 3.81 15.47 -32.52
CA LEU A 53 4.75 16.58 -32.42
C LEU A 53 6.12 16.08 -32.85
N ILE A 54 6.49 14.90 -32.38
CA ILE A 54 7.78 14.33 -32.74
C ILE A 54 7.85 14.10 -34.25
N SER A 55 6.73 13.73 -34.85
CA SER A 55 6.72 13.48 -36.29
C SER A 55 7.04 14.74 -37.08
N LEU A 56 6.75 15.90 -36.50
CA LEU A 56 7.02 17.18 -37.16
C LEU A 56 8.50 17.35 -37.48
N THR A 57 9.35 16.92 -36.55
CA THR A 57 10.79 17.07 -36.72
C THR A 57 11.55 15.80 -37.08
N ASP A 58 11.00 14.65 -36.73
CA ASP A 58 11.65 13.38 -37.00
C ASP A 58 10.88 12.60 -38.07
N GLU A 59 11.47 12.51 -39.26
CA GLU A 59 10.87 11.84 -40.40
C GLU A 59 10.50 10.38 -40.19
N ASN A 60 11.26 9.66 -39.37
CA ASN A 60 10.97 8.25 -39.11
C ASN A 60 10.28 8.02 -37.76
N ALA A 61 9.38 8.93 -37.40
CA ALA A 61 8.67 8.82 -36.13
C ALA A 61 7.49 7.87 -36.21
N LEU A 62 6.84 7.80 -37.36
CA LEU A 62 5.68 6.95 -37.52
C LEU A 62 5.95 5.63 -38.25
N ALA A 63 7.23 5.30 -38.39
CA ALA A 63 7.66 4.08 -39.07
C ALA A 63 7.01 2.80 -38.53
N GLY A 64 6.97 2.68 -37.21
CA GLY A 64 6.41 1.50 -36.58
C GLY A 64 4.89 1.35 -36.64
N ASN A 65 4.19 2.40 -37.06
CA ASN A 65 2.73 2.37 -37.15
C ASN A 65 2.31 3.74 -37.69
N GLU A 66 1.79 3.78 -38.90
CA GLU A 66 1.38 5.04 -39.53
C GLU A 66 0.10 5.69 -38.98
N GLU A 67 -0.81 4.89 -38.46
CA GLU A 67 -2.05 5.46 -37.92
C GLU A 67 -1.92 6.10 -36.54
N LEU A 68 -2.86 6.99 -36.24
CA LEU A 68 -2.94 7.67 -34.95
C LEU A 68 -4.35 7.41 -34.46
N THR A 69 -4.52 6.34 -33.69
CA THR A 69 -5.86 5.98 -33.22
C THR A 69 -5.93 5.43 -31.80
N VAL A 70 -7.15 5.33 -31.30
CA VAL A 70 -7.42 4.77 -29.98
C VAL A 70 -8.47 3.71 -30.25
N LYS A 71 -8.16 2.46 -29.94
CA LYS A 71 -9.10 1.36 -30.16
C LYS A 71 -9.42 0.64 -28.85
N ILE A 72 -10.71 0.45 -28.58
CA ILE A 72 -11.11 -0.20 -27.34
C ILE A 72 -11.74 -1.57 -27.58
N LYS A 73 -11.26 -2.58 -26.83
CA LYS A 73 -11.74 -3.95 -26.98
C LYS A 73 -12.21 -4.60 -25.68
N CYS A 74 -13.43 -5.14 -25.71
CA CYS A 74 -14.00 -5.84 -24.55
C CYS A 74 -13.88 -7.33 -24.74
N ASP A 75 -13.23 -8.01 -23.81
CA ASP A 75 -13.09 -9.45 -23.91
C ASP A 75 -13.86 -10.08 -22.76
N LYS A 76 -15.15 -10.33 -22.99
CA LYS A 76 -16.00 -10.90 -21.95
C LYS A 76 -15.54 -12.25 -21.42
N GLU A 77 -15.20 -13.20 -22.28
CA GLU A 77 -14.80 -14.50 -21.78
C GLU A 77 -13.51 -14.48 -20.94
N LYS A 78 -12.67 -13.45 -21.12
CA LYS A 78 -11.44 -13.36 -20.35
C LYS A 78 -11.48 -12.30 -19.25
N ASN A 79 -12.59 -11.57 -19.16
CA ASN A 79 -12.77 -10.55 -18.13
C ASN A 79 -11.74 -9.42 -18.26
N LEU A 80 -11.43 -9.03 -19.50
CA LEU A 80 -10.46 -7.98 -19.73
C LEU A 80 -11.02 -6.85 -20.57
N LEU A 81 -10.50 -5.65 -20.34
CA LEU A 81 -10.87 -4.46 -21.08
C LEU A 81 -9.56 -3.94 -21.64
N HIS A 82 -9.52 -3.68 -22.95
CA HIS A 82 -8.30 -3.18 -23.58
C HIS A 82 -8.48 -1.79 -24.19
N VAL A 83 -7.52 -0.90 -23.92
CA VAL A 83 -7.56 0.45 -24.48
C VAL A 83 -6.21 0.65 -25.13
N THR A 84 -6.19 0.61 -26.45
CA THR A 84 -4.95 0.73 -27.20
C THR A 84 -4.82 2.01 -28.03
N ASP A 85 -3.66 2.63 -27.94
CA ASP A 85 -3.39 3.83 -28.69
C ASP A 85 -2.09 3.59 -29.45
N THR A 86 -1.85 4.38 -30.48
CA THR A 86 -0.63 4.24 -31.25
C THR A 86 0.20 5.50 -31.09
N GLY A 87 0.31 5.94 -29.84
CA GLY A 87 1.09 7.13 -29.53
C GLY A 87 2.57 6.88 -29.40
N VAL A 88 3.24 7.81 -28.74
CA VAL A 88 4.69 7.74 -28.55
C VAL A 88 5.15 6.48 -27.86
N GLY A 89 4.31 5.94 -26.97
CA GLY A 89 4.70 4.74 -26.25
C GLY A 89 5.68 5.08 -25.14
N MET A 90 6.11 4.05 -24.39
CA MET A 90 7.04 4.23 -23.28
C MET A 90 8.18 3.21 -23.30
N THR A 91 9.37 3.63 -22.88
CA THR A 91 10.53 2.73 -22.80
C THR A 91 10.45 2.07 -21.42
N ARG A 92 11.15 0.95 -21.25
CA ARG A 92 11.14 0.24 -19.97
C ARG A 92 11.45 1.22 -18.83
N GLU A 93 12.42 2.11 -19.05
CA GLU A 93 12.78 3.08 -18.03
C GLU A 93 11.59 3.96 -17.66
N GLU A 94 10.86 4.41 -18.67
CA GLU A 94 9.69 5.27 -18.48
C GLU A 94 8.54 4.53 -17.83
N LEU A 95 8.40 3.25 -18.14
CA LEU A 95 7.34 2.44 -17.54
C LEU A 95 7.54 2.44 -16.03
N VAL A 96 8.78 2.23 -15.63
CA VAL A 96 9.14 2.21 -14.22
C VAL A 96 8.99 3.56 -13.54
N LYS A 97 9.64 4.57 -14.11
CA LYS A 97 9.63 5.91 -13.56
C LYS A 97 8.31 6.68 -13.64
N ASN A 98 7.64 6.64 -14.79
CA ASN A 98 6.40 7.38 -14.95
C ASN A 98 5.20 6.83 -14.20
N LEU A 99 5.12 5.51 -14.10
CA LEU A 99 4.01 4.89 -13.41
C LEU A 99 4.32 4.54 -11.95
N GLY A 100 5.60 4.34 -11.64
CA GLY A 100 5.97 3.99 -10.28
C GLY A 100 6.34 5.12 -9.33
N THR A 101 6.52 6.33 -9.88
CA THR A 101 6.89 7.47 -9.06
C THR A 101 6.12 8.72 -9.48
N ILE A 102 6.39 9.82 -8.77
CA ILE A 102 5.76 11.10 -9.06
C ILE A 102 6.45 12.21 -8.27
N GLY A 106 4.41 19.86 -7.44
CA GLY A 106 3.37 20.20 -6.48
C GLY A 106 2.67 18.96 -5.95
N THR A 107 3.44 17.91 -5.73
CA THR A 107 2.92 16.64 -5.22
C THR A 107 2.26 16.81 -3.86
N SER A 108 2.94 17.51 -2.96
CA SER A 108 2.44 17.75 -1.62
C SER A 108 1.17 18.61 -1.63
N GLU A 109 1.22 19.69 -2.40
CA GLU A 109 0.08 20.60 -2.51
C GLU A 109 -1.14 19.83 -2.99
N PHE A 110 -0.92 18.83 -3.83
CA PHE A 110 -2.01 18.03 -4.37
C PHE A 110 -2.44 16.99 -3.35
N LEU A 111 -1.47 16.42 -2.65
CA LEU A 111 -1.76 15.40 -1.65
C LEU A 111 -2.62 16.06 -0.57
N ASN A 112 -2.37 17.35 -0.34
CA ASN A 112 -3.11 18.12 0.65
C ASN A 112 -4.41 18.63 0.04
N LYS A 113 -4.34 19.07 -1.22
CA LYS A 113 -5.50 19.57 -1.92
C LYS A 113 -6.58 18.50 -2.02
N MET A 114 -6.16 17.28 -2.34
CA MET A 114 -7.07 16.13 -2.46
C MET A 114 -7.73 15.81 -1.13
N THR A 115 -6.94 15.91 -0.07
CA THR A 115 -7.40 15.65 1.29
C THR A 115 -8.29 16.79 1.80
N GLU A 116 -7.75 18.01 1.73
CA GLU A 116 -8.46 19.20 2.18
C GLU A 116 -9.36 19.75 1.07
N SER A 123 -15.75 17.84 -6.18
CA SER A 123 -15.46 16.79 -7.14
C SER A 123 -13.97 16.74 -7.41
N THR A 124 -13.29 15.63 -7.15
CA THR A 124 -11.86 15.63 -7.43
C THR A 124 -11.60 15.00 -8.78
N SER A 125 -12.66 14.58 -9.48
CA SER A 125 -12.48 13.98 -10.79
C SER A 125 -11.81 15.00 -11.71
N GLU A 126 -11.95 16.29 -11.39
CA GLU A 126 -11.34 17.34 -12.19
C GLU A 126 -9.87 17.53 -11.83
N LEU A 127 -9.56 17.58 -10.53
CA LEU A 127 -8.19 17.77 -10.08
C LEU A 127 -7.26 16.63 -10.52
N ILE A 128 -7.71 15.40 -10.36
CA ILE A 128 -6.92 14.24 -10.74
C ILE A 128 -6.42 14.37 -12.17
N GLY A 129 -7.30 14.80 -13.07
CA GLY A 129 -6.91 14.97 -14.45
C GLY A 129 -5.89 16.09 -14.57
N GLN A 130 -6.15 17.18 -13.84
CA GLN A 130 -5.26 18.34 -13.86
C GLN A 130 -3.87 18.00 -13.35
N PHE A 131 -3.79 17.15 -12.35
CA PHE A 131 -2.50 16.76 -11.76
C PHE A 131 -1.81 15.67 -12.56
N GLY A 132 -2.47 15.19 -13.60
CA GLY A 132 -1.90 14.15 -14.46
C GLY A 132 -1.75 12.76 -13.84
N VAL A 133 -2.63 12.43 -12.90
CA VAL A 133 -2.56 11.12 -12.24
C VAL A 133 -3.82 10.28 -12.49
N GLY A 134 -4.53 10.58 -13.57
CA GLY A 134 -5.73 9.83 -13.89
C GLY A 134 -5.48 8.35 -14.12
N PHE A 135 -4.22 7.98 -14.37
CA PHE A 135 -3.88 6.58 -14.60
C PHE A 135 -4.33 5.65 -13.50
N TYR A 136 -4.03 6.04 -12.26
CA TYR A 136 -4.37 5.22 -11.10
C TYR A 136 -5.87 4.99 -10.87
N SER A 137 -6.72 5.78 -11.50
CA SER A 137 -8.16 5.59 -11.33
C SER A 137 -8.59 4.24 -11.90
N ALA A 138 -7.71 3.62 -12.68
CA ALA A 138 -8.00 2.32 -13.27
C ALA A 138 -8.25 1.30 -12.15
N PHE A 139 -7.57 1.49 -11.02
CA PHE A 139 -7.71 0.60 -9.89
C PHE A 139 -9.07 0.66 -9.19
N LEU A 140 -9.93 1.58 -9.61
CA LEU A 140 -11.27 1.68 -9.04
C LEU A 140 -12.12 0.51 -9.55
N VAL A 141 -11.85 0.09 -10.79
CA VAL A 141 -12.60 -1.01 -11.39
C VAL A 141 -11.77 -2.26 -11.67
N ALA A 142 -10.46 -2.21 -11.42
CA ALA A 142 -9.63 -3.36 -11.71
C ALA A 142 -8.76 -3.91 -10.58
N ASP A 143 -8.62 -5.23 -10.55
CA ASP A 143 -7.79 -5.88 -9.54
C ASP A 143 -6.35 -5.85 -10.04
N LYS A 144 -6.17 -5.81 -11.35
CA LYS A 144 -4.84 -5.71 -11.93
C LYS A 144 -4.85 -4.84 -13.17
N VAL A 145 -3.80 -4.04 -13.31
CA VAL A 145 -3.64 -3.16 -14.45
C VAL A 145 -2.35 -3.57 -15.14
N ILE A 146 -2.44 -3.78 -16.45
CA ILE A 146 -1.28 -4.19 -17.24
C ILE A 146 -1.04 -3.22 -18.38
N VAL A 147 0.19 -2.75 -18.47
CA VAL A 147 0.56 -1.80 -19.52
C VAL A 147 1.60 -2.41 -20.46
N THR A 148 1.20 -2.59 -21.71
CA THR A 148 2.09 -3.12 -22.72
C THR A 148 2.40 -1.91 -23.57
N SER A 149 3.67 -1.61 -23.74
CA SER A 149 4.03 -0.44 -24.52
C SER A 149 5.29 -0.63 -25.36
N LYS A 150 5.27 -0.01 -26.53
CA LYS A 150 6.40 -0.07 -27.47
C LYS A 150 6.78 1.35 -27.86
N HIS A 151 7.97 1.78 -27.45
CA HIS A 151 8.45 3.10 -27.77
C HIS A 151 9.45 2.96 -28.92
N ASN A 152 9.58 4.00 -29.74
CA ASN A 152 10.52 3.95 -30.85
C ASN A 152 11.94 3.56 -30.43
N ASN A 153 12.36 3.98 -29.23
CA ASN A 153 13.72 3.70 -28.75
C ASN A 153 13.97 2.48 -27.86
N ASP A 154 12.99 1.57 -27.76
CA ASP A 154 13.18 0.39 -26.92
C ASP A 154 12.37 -0.78 -27.48
N THR A 155 12.57 -1.96 -26.91
CA THR A 155 11.80 -3.13 -27.34
C THR A 155 10.50 -3.14 -26.52
N GLN A 156 9.49 -3.83 -27.01
CA GLN A 156 8.21 -3.89 -26.31
C GLN A 156 8.38 -4.48 -24.92
N HIS A 157 7.79 -3.84 -23.91
CA HIS A 157 7.87 -4.31 -22.52
C HIS A 157 6.49 -4.34 -21.89
N ILE A 158 6.38 -5.05 -20.78
CA ILE A 158 5.11 -5.17 -20.07
C ILE A 158 5.28 -4.76 -18.60
N TRP A 159 4.37 -3.91 -18.13
CA TRP A 159 4.34 -3.42 -16.76
C TRP A 159 3.05 -4.00 -16.18
N GLU A 160 3.12 -4.50 -14.96
CA GLU A 160 1.93 -5.08 -14.33
C GLU A 160 1.90 -4.81 -12.84
N SER A 161 0.71 -4.71 -12.27
CA SER A 161 0.60 -4.45 -10.86
C SER A 161 -0.79 -4.74 -10.34
N ASP A 162 -0.87 -5.07 -9.06
CA ASP A 162 -2.16 -5.31 -8.41
C ASP A 162 -2.29 -4.21 -7.36
N SER A 163 -1.38 -3.24 -7.44
CA SER A 163 -1.27 -2.05 -6.58
C SER A 163 -0.38 -2.22 -5.36
N ASN A 164 0.03 -3.46 -5.07
CA ASN A 164 0.88 -3.74 -3.90
C ASN A 164 2.36 -3.83 -4.25
N GLU A 165 2.65 -3.73 -5.54
CA GLU A 165 4.00 -3.79 -6.09
C GLU A 165 3.78 -3.77 -7.60
N PHE A 166 4.88 -3.76 -8.36
CA PHE A 166 4.76 -3.80 -9.80
C PHE A 166 6.04 -4.36 -10.40
N SER A 167 5.90 -4.98 -11.56
CA SER A 167 7.06 -5.54 -12.22
C SER A 167 7.01 -5.14 -13.68
N VAL A 168 8.15 -5.18 -14.33
CA VAL A 168 8.24 -4.83 -15.74
C VAL A 168 9.13 -5.88 -16.38
N ILE A 169 8.67 -6.42 -17.51
CA ILE A 169 9.43 -7.42 -18.22
C ILE A 169 9.41 -7.15 -19.72
N ALA A 170 10.38 -7.74 -20.42
CA ALA A 170 10.44 -7.59 -21.85
C ALA A 170 9.31 -8.48 -22.35
N ASP A 171 8.51 -7.98 -23.29
CA ASP A 171 7.40 -8.78 -23.80
C ASP A 171 7.91 -9.94 -24.64
N PRO A 172 7.76 -11.18 -24.15
CA PRO A 172 8.23 -12.35 -24.89
C PRO A 172 7.53 -12.48 -26.25
N ARG A 173 6.45 -11.73 -26.43
CA ARG A 173 5.70 -11.77 -27.69
C ARG A 173 6.37 -10.88 -28.73
N GLY A 174 7.38 -10.13 -28.32
CA GLY A 174 8.07 -9.26 -29.25
C GLY A 174 7.29 -8.00 -29.57
N ASN A 175 7.73 -7.31 -30.61
CA ASN A 175 7.09 -6.08 -31.02
C ASN A 175 5.78 -6.36 -31.76
N THR A 176 4.68 -6.43 -31.03
CA THR A 176 3.39 -6.70 -31.63
C THR A 176 2.57 -5.44 -31.82
N LEU A 177 2.93 -4.40 -31.07
CA LEU A 177 2.24 -3.12 -31.13
C LEU A 177 2.71 -2.19 -32.24
N GLY A 178 3.94 -2.36 -32.69
CA GLY A 178 4.48 -1.47 -33.72
C GLY A 178 4.99 -0.24 -33.00
N ARG A 179 4.07 0.44 -32.32
CA ARG A 179 4.35 1.64 -31.52
C ARG A 179 3.07 1.98 -30.78
N GLY A 180 3.18 2.32 -29.51
CA GLY A 180 2.01 2.67 -28.74
C GLY A 180 1.87 1.97 -27.42
N THR A 181 0.65 1.98 -26.88
CA THR A 181 0.39 1.37 -25.59
C THR A 181 -1.00 0.74 -25.46
N THR A 182 -1.07 -0.39 -24.77
CA THR A 182 -2.34 -1.04 -24.51
C THR A 182 -2.47 -1.10 -23.00
N ILE A 183 -3.56 -0.55 -22.50
CA ILE A 183 -3.82 -0.58 -21.07
C ILE A 183 -4.81 -1.74 -20.91
N THR A 184 -4.42 -2.76 -20.15
CA THR A 184 -5.29 -3.92 -19.95
C THR A 184 -5.81 -4.02 -18.52
N LEU A 185 -7.13 -4.01 -18.38
CA LEU A 185 -7.72 -4.08 -17.07
C LEU A 185 -8.37 -5.42 -16.79
N VAL A 186 -7.93 -6.07 -15.70
CA VAL A 186 -8.54 -7.32 -15.28
C VAL A 186 -9.59 -6.76 -14.32
N LEU A 187 -10.81 -6.63 -14.82
CA LEU A 187 -11.91 -6.07 -14.06
C LEU A 187 -12.37 -6.82 -12.83
N LYS A 188 -12.65 -6.07 -11.77
CA LYS A 188 -13.16 -6.65 -10.52
C LYS A 188 -14.47 -7.32 -10.86
N GLU A 189 -14.83 -8.33 -10.08
CA GLU A 189 -16.07 -9.07 -10.29
C GLU A 189 -17.31 -8.17 -10.35
N GLU A 190 -17.31 -7.10 -9.57
CA GLU A 190 -18.46 -6.19 -9.55
C GLU A 190 -18.40 -5.10 -10.61
N ALA A 191 -17.38 -5.15 -11.47
CA ALA A 191 -17.24 -4.15 -12.53
C ALA A 191 -17.43 -4.82 -13.88
N SER A 192 -18.20 -5.91 -13.88
CA SER A 192 -18.48 -6.68 -15.08
C SER A 192 -19.22 -5.90 -16.13
N ASP A 193 -20.00 -4.91 -15.71
CA ASP A 193 -20.77 -4.13 -16.66
C ASP A 193 -19.93 -3.36 -17.66
N TYR A 194 -18.63 -3.25 -17.40
CA TYR A 194 -17.76 -2.54 -18.33
C TYR A 194 -17.26 -3.48 -19.41
N LEU A 195 -17.84 -4.69 -19.44
CA LEU A 195 -17.50 -5.67 -20.45
C LEU A 195 -18.62 -5.62 -21.47
N GLU A 196 -19.69 -4.91 -21.12
CA GLU A 196 -20.84 -4.76 -22.01
C GLU A 196 -20.56 -3.69 -23.04
N LEU A 197 -20.73 -4.04 -24.31
CA LEU A 197 -20.49 -3.10 -25.40
C LEU A 197 -21.27 -1.80 -25.21
N ASP A 198 -22.59 -1.91 -25.09
CA ASP A 198 -23.43 -0.74 -24.91
C ASP A 198 -22.84 0.20 -23.88
N THR A 199 -22.51 -0.32 -22.69
CA THR A 199 -21.96 0.49 -21.63
C THR A 199 -20.71 1.21 -22.11
N ILE A 200 -19.73 0.45 -22.59
CA ILE A 200 -18.49 1.02 -23.08
C ILE A 200 -18.73 2.08 -24.13
N LYS A 201 -19.53 1.75 -25.15
CA LYS A 201 -19.84 2.70 -26.21
C LYS A 201 -20.40 4.00 -25.64
N ASN A 202 -21.35 3.91 -24.72
CA ASN A 202 -21.91 5.13 -24.14
C ASN A 202 -20.86 5.94 -23.42
N LEU A 203 -19.98 5.28 -22.68
CA LEU A 203 -18.93 5.98 -21.96
C LEU A 203 -17.94 6.58 -22.95
N VAL A 204 -17.42 5.74 -23.84
CA VAL A 204 -16.45 6.20 -24.83
C VAL A 204 -17.00 7.35 -25.67
N LYS A 205 -18.26 7.26 -26.06
CA LYS A 205 -18.86 8.31 -26.88
C LYS A 205 -18.90 9.64 -26.13
N LYS A 206 -19.09 9.59 -24.82
CA LYS A 206 -19.15 10.81 -24.02
C LYS A 206 -17.78 11.41 -23.69
N TYR A 207 -16.80 10.55 -23.44
CA TYR A 207 -15.45 11.00 -23.11
C TYR A 207 -14.51 11.17 -24.31
N SER A 208 -15.02 10.92 -25.51
CA SER A 208 -14.21 11.04 -26.71
C SER A 208 -14.66 12.21 -27.59
N GLN A 209 -15.82 12.76 -27.28
CA GLN A 209 -16.37 13.86 -28.04
C GLN A 209 -15.37 15.00 -28.29
N PHE A 210 -14.40 15.17 -27.40
CA PHE A 210 -13.44 16.26 -27.56
C PHE A 210 -12.01 15.83 -27.84
N ILE A 211 -11.83 14.57 -28.17
CA ILE A 211 -10.50 14.04 -28.47
C ILE A 211 -10.34 14.28 -29.97
N ASN A 212 -9.19 14.79 -30.38
CA ASN A 212 -8.95 15.08 -31.79
C ASN A 212 -8.54 13.87 -32.62
N PHE A 213 -8.36 12.73 -31.96
CA PHE A 213 -7.98 11.52 -32.68
C PHE A 213 -9.18 10.58 -32.74
N PRO A 214 -9.27 9.76 -33.82
CA PRO A 214 -10.39 8.83 -33.96
C PRO A 214 -10.34 7.69 -32.94
N ILE A 215 -11.47 7.47 -32.28
CA ILE A 215 -11.55 6.41 -31.28
C ILE A 215 -12.55 5.38 -31.72
N TYR A 216 -12.16 4.10 -31.64
CA TYR A 216 -13.02 3.00 -32.06
C TYR A 216 -13.27 2.00 -30.96
N VAL A 217 -14.37 1.27 -31.10
CA VAL A 217 -14.72 0.22 -30.16
C VAL A 217 -15.00 -1.01 -30.97
N TRP A 218 -14.38 -2.13 -30.62
CA TRP A 218 -14.58 -3.38 -31.34
C TRP A 218 -16.00 -3.85 -31.02
N SER A 219 -16.93 -3.62 -31.94
CA SER A 219 -18.32 -4.00 -31.75
C SER A 219 -18.93 -4.88 -32.84
N SER A 220 -20.05 -5.52 -32.50
CA SER A 220 -20.75 -6.42 -33.41
C SER A 220 -22.03 -5.85 -33.99
N LYS A 221 -22.31 -6.24 -35.24
CA LYS A 221 -23.50 -5.79 -35.95
C LYS A 221 -24.21 -6.99 -36.57
N THR A 228 -24.01 -12.08 -37.31
CA THR A 228 -23.28 -11.30 -36.33
C THR A 228 -21.80 -11.20 -36.69
N VAL A 229 -21.38 -10.02 -37.17
CA VAL A 229 -19.99 -9.81 -37.52
C VAL A 229 -19.37 -8.69 -36.69
N TRP A 230 -18.08 -8.84 -36.37
CA TRP A 230 -17.38 -7.85 -35.56
C TRP A 230 -16.44 -6.98 -36.39
N ASP A 231 -16.30 -5.74 -35.97
CA ASP A 231 -15.41 -4.80 -36.64
C ASP A 231 -15.33 -3.51 -35.83
N TRP A 232 -14.30 -2.71 -36.09
CA TRP A 232 -14.14 -1.46 -35.36
C TRP A 232 -15.27 -0.50 -35.69
N GLU A 233 -15.81 0.18 -34.67
CA GLU A 233 -16.88 1.14 -34.87
C GLU A 233 -16.44 2.51 -34.37
N LEU A 234 -16.46 3.49 -35.27
CA LEU A 234 -16.06 4.86 -34.92
C LEU A 234 -17.02 5.44 -33.90
N MET A 235 -16.47 6.07 -32.86
CA MET A 235 -17.29 6.64 -31.79
C MET A 235 -17.34 8.17 -31.79
N ASN A 236 -16.34 8.81 -32.39
CA ASN A 236 -16.27 10.26 -32.41
C ASN A 236 -15.91 10.82 -33.79
N GLY B 1 27.85 12.54 10.21
CA GLY B 1 27.57 12.33 8.76
C GLY B 1 26.09 12.43 8.44
N SER B 2 25.76 13.11 7.35
CA SER B 2 24.37 13.30 6.94
C SER B 2 24.03 12.43 5.72
N HIS B 3 24.89 11.47 5.41
CA HIS B 3 24.64 10.60 4.27
C HIS B 3 23.34 9.83 4.41
N MET B 4 23.00 9.43 5.64
CA MET B 4 21.75 8.69 5.88
C MET B 4 20.53 9.49 5.43
N LEU B 5 20.42 10.74 5.84
CA LEU B 5 19.29 11.59 5.48
C LEU B 5 19.34 12.07 4.03
N ARG B 6 20.53 12.42 3.55
CA ARG B 6 20.68 12.91 2.19
C ARG B 6 20.32 11.83 1.15
N GLU B 7 20.73 10.60 1.42
CA GLU B 7 20.46 9.48 0.52
C GLU B 7 19.19 8.69 0.89
N LYS B 8 18.52 9.10 1.98
CA LYS B 8 17.30 8.45 2.44
C LYS B 8 17.52 6.97 2.77
N SER B 9 18.72 6.66 3.29
CA SER B 9 19.10 5.29 3.66
C SER B 9 18.22 4.69 4.74
N GLU B 10 17.43 5.55 5.39
CA GLU B 10 16.56 5.14 6.48
C GLU B 10 15.15 4.78 6.02
N LYS B 11 14.86 5.01 4.75
CA LYS B 11 13.52 4.72 4.22
C LYS B 11 13.41 3.42 3.45
N PHE B 12 12.46 2.58 3.88
CA PHE B 12 12.24 1.29 3.25
C PHE B 12 10.81 1.18 2.75
N ALA B 13 10.60 0.21 1.87
CA ALA B 13 9.28 -0.06 1.31
C ALA B 13 8.88 -1.45 1.80
N PHE B 14 7.59 -1.66 2.02
CA PHE B 14 7.11 -2.96 2.47
C PHE B 14 7.15 -4.01 1.37
N GLN B 15 7.32 -5.26 1.78
CA GLN B 15 7.34 -6.36 0.84
C GLN B 15 5.90 -6.46 0.31
N ALA B 16 5.74 -6.84 -0.95
CA ALA B 16 4.42 -6.96 -1.55
C ALA B 16 3.45 -7.75 -0.66
N GLU B 17 3.91 -8.91 -0.17
CA GLU B 17 3.08 -9.76 0.69
C GLU B 17 2.56 -9.05 1.94
N VAL B 18 3.37 -8.16 2.51
CA VAL B 18 2.94 -7.44 3.70
C VAL B 18 1.82 -6.47 3.34
N ASN B 19 1.98 -5.78 2.21
CA ASN B 19 0.94 -4.84 1.79
C ASN B 19 -0.36 -5.61 1.66
N ARG B 20 -0.33 -6.74 0.96
CA ARG B 20 -1.53 -7.54 0.76
C ARG B 20 -2.14 -8.00 2.08
N MET B 21 -1.28 -8.42 3.00
N MET B 21 -1.29 -8.43 3.01
CA MET B 21 -1.72 -8.90 4.30
CA MET B 21 -1.77 -8.90 4.30
C MET B 21 -2.36 -7.79 5.13
C MET B 21 -2.39 -7.78 5.11
N MET B 22 -1.79 -6.60 5.06
CA MET B 22 -2.33 -5.46 5.81
C MET B 22 -3.74 -5.17 5.32
N LYS B 23 -3.92 -5.19 4.01
CA LYS B 23 -5.23 -4.92 3.41
C LYS B 23 -6.25 -5.97 3.82
N LEU B 24 -5.87 -7.25 3.76
CA LEU B 24 -6.75 -8.33 4.14
C LEU B 24 -7.21 -8.14 5.58
N ILE B 25 -6.24 -7.89 6.45
CA ILE B 25 -6.53 -7.68 7.86
C ILE B 25 -7.55 -6.57 8.10
N ILE B 26 -7.40 -5.46 7.39
CA ILE B 26 -8.30 -4.32 7.53
C ILE B 26 -9.69 -4.54 6.93
N ASN B 27 -9.78 -5.35 5.87
CA ASN B 27 -11.06 -5.59 5.23
C ASN B 27 -11.93 -6.56 6.00
N SER B 28 -11.33 -7.59 6.58
CA SER B 28 -12.11 -8.58 7.31
C SER B 28 -12.34 -8.35 8.79
N LEU B 29 -11.57 -7.46 9.42
CA LEU B 29 -11.74 -7.22 10.86
C LEU B 29 -12.36 -5.89 11.24
N TYR B 30 -12.76 -5.10 10.25
CA TYR B 30 -13.34 -3.77 10.48
C TYR B 30 -14.50 -3.73 11.48
N LYS B 31 -15.16 -4.87 11.68
CA LYS B 31 -16.31 -4.92 12.58
C LYS B 31 -15.92 -5.23 14.02
N ASN B 32 -14.71 -5.72 14.22
N ASN B 32 -14.71 -5.73 14.20
CA ASN B 32 -14.25 -6.04 15.57
CA ASN B 32 -14.21 -6.10 15.51
C ASN B 32 -12.84 -5.50 15.79
C ASN B 32 -12.81 -5.51 15.74
N LYS B 33 -12.68 -4.21 15.52
CA LYS B 33 -11.39 -3.53 15.65
C LYS B 33 -10.64 -3.62 16.98
N GLU B 34 -11.37 -3.71 18.08
N GLU B 34 -11.37 -3.70 18.08
CA GLU B 34 -10.75 -3.76 19.41
CA GLU B 34 -10.75 -3.76 19.40
C GLU B 34 -9.71 -4.86 19.57
C GLU B 34 -9.71 -4.88 19.56
N ILE B 35 -9.76 -5.85 18.69
N ILE B 35 -9.74 -5.87 18.68
CA ILE B 35 -8.83 -6.97 18.74
CA ILE B 35 -8.79 -6.98 18.81
C ILE B 35 -7.37 -6.53 18.64
C ILE B 35 -7.35 -6.53 18.62
N PHE B 36 -7.15 -5.32 18.10
CA PHE B 36 -5.80 -4.82 17.93
C PHE B 36 -5.08 -4.81 19.29
N LEU B 37 -5.79 -4.40 20.33
CA LEU B 37 -5.19 -4.34 21.67
C LEU B 37 -4.79 -5.74 22.15
N ARG B 38 -5.63 -6.73 21.88
CA ARG B 38 -5.32 -8.10 22.27
C ARG B 38 -4.04 -8.56 21.58
N GLU B 39 -3.91 -8.21 20.30
CA GLU B 39 -2.76 -8.61 19.51
C GLU B 39 -1.47 -7.98 20.00
N LEU B 40 -1.50 -6.69 20.33
CA LEU B 40 -0.30 -6.01 20.80
C LEU B 40 0.14 -6.59 22.14
N ILE B 41 -0.83 -6.99 22.95
CA ILE B 41 -0.55 -7.57 24.25
C ILE B 41 0.08 -8.96 24.09
N SER B 42 -0.40 -9.74 23.12
CA SER B 42 0.16 -11.06 22.90
C SER B 42 1.59 -10.91 22.43
N ASN B 43 1.81 -9.94 21.53
CA ASN B 43 3.16 -9.71 21.04
C ASN B 43 4.06 -9.39 22.21
N ALA B 44 3.58 -8.53 23.11
CA ALA B 44 4.34 -8.14 24.29
C ALA B 44 4.63 -9.36 25.17
N SER B 45 3.65 -10.25 25.30
CA SER B 45 3.82 -11.44 26.12
C SER B 45 4.90 -12.36 25.57
N ASP B 46 4.91 -12.54 24.25
CA ASP B 46 5.92 -13.36 23.61
C ASP B 46 7.29 -12.72 23.84
N ALA B 47 7.34 -11.40 23.72
CA ALA B 47 8.57 -10.64 23.91
C ALA B 47 9.17 -10.92 25.28
N LEU B 48 8.31 -10.94 26.30
CA LEU B 48 8.75 -11.19 27.67
C LEU B 48 9.23 -12.64 27.80
N ASP B 49 8.52 -13.58 27.20
CA ASP B 49 8.94 -14.99 27.25
C ASP B 49 10.32 -15.14 26.64
N LYS B 50 10.59 -14.41 25.56
CA LYS B 50 11.88 -14.52 24.90
C LYS B 50 13.03 -14.08 25.80
N ILE B 51 12.87 -12.94 26.47
CA ILE B 51 13.95 -12.48 27.33
C ILE B 51 14.03 -13.36 28.56
N ARG B 52 12.89 -13.92 28.96
CA ARG B 52 12.91 -14.80 30.11
C ARG B 52 13.73 -16.05 29.78
N LEU B 53 13.55 -16.58 28.58
CA LEU B 53 14.28 -17.77 28.14
C LEU B 53 15.77 -17.42 28.00
N ILE B 54 16.04 -16.21 27.53
CA ILE B 54 17.41 -15.77 27.35
C ILE B 54 18.11 -15.62 28.70
N SER B 55 17.37 -15.22 29.73
CA SER B 55 17.96 -15.05 31.04
C SER B 55 18.29 -16.41 31.67
N LEU B 56 17.73 -17.47 31.12
CA LEU B 56 18.00 -18.81 31.66
C LEU B 56 19.49 -19.12 31.50
N THR B 57 20.03 -18.76 30.34
CA THR B 57 21.43 -19.01 30.05
C THR B 57 22.34 -17.84 30.38
N ASP B 58 21.84 -16.61 30.21
CA ASP B 58 22.66 -15.44 30.49
C ASP B 58 22.33 -14.76 31.83
N GLU B 59 23.36 -14.50 32.62
CA GLU B 59 23.19 -13.88 33.93
C GLU B 59 22.99 -12.37 33.87
N ASN B 60 23.49 -11.73 32.80
CA ASN B 60 23.33 -10.29 32.67
C ASN B 60 22.23 -9.90 31.67
N ALA B 61 21.39 -10.87 31.33
CA ALA B 61 20.30 -10.61 30.39
C ALA B 61 19.33 -9.52 30.85
N LEU B 62 19.07 -9.43 32.15
CA LEU B 62 18.13 -8.43 32.66
C LEU B 62 18.74 -7.14 33.21
N ALA B 63 20.02 -6.91 32.96
CA ALA B 63 20.72 -5.72 33.45
C ALA B 63 20.01 -4.39 33.13
N GLY B 64 19.63 -4.20 31.87
CA GLY B 64 18.97 -2.98 31.44
C GLY B 64 17.62 -2.63 32.04
N ASN B 65 16.95 -3.62 32.62
CA ASN B 65 15.65 -3.42 33.24
C ASN B 65 15.36 -4.74 33.95
N GLU B 66 15.15 -4.68 35.26
N GLU B 66 15.15 -4.69 35.26
CA GLU B 66 14.90 -5.87 36.06
CA GLU B 66 14.90 -5.88 36.05
C GLU B 66 13.48 -6.42 35.95
C GLU B 66 13.48 -6.42 35.93
N GLU B 67 12.50 -5.54 35.73
CA GLU B 67 11.12 -5.94 35.64
C GLU B 67 10.69 -6.59 34.32
N LEU B 68 9.60 -7.35 34.41
CA LEU B 68 9.02 -8.05 33.27
C LEU B 68 7.55 -7.65 33.30
N THR B 69 7.24 -6.51 32.70
CA THR B 69 5.87 -6.00 32.69
C THR B 69 5.42 -5.47 31.35
N VAL B 70 4.14 -5.10 31.30
CA VAL B 70 3.53 -4.50 30.13
C VAL B 70 2.73 -3.34 30.72
N LYS B 71 3.01 -2.13 30.27
CA LYS B 71 2.31 -0.94 30.76
C LYS B 71 1.65 -0.18 29.63
N ILE B 72 0.35 0.06 29.78
CA ILE B 72 -0.43 0.76 28.76
C ILE B 72 -0.79 2.16 29.22
N LYS B 73 -0.59 3.12 28.34
CA LYS B 73 -0.86 4.51 28.68
C LYS B 73 -1.58 5.32 27.61
N CYS B 74 -2.64 6.01 28.01
CA CYS B 74 -3.40 6.85 27.10
C CYS B 74 -2.92 8.29 27.21
N ASP B 75 -2.94 9.00 26.09
CA ASP B 75 -2.55 10.39 26.07
C ASP B 75 -3.55 11.08 25.15
N LYS B 76 -4.73 11.36 25.69
CA LYS B 76 -5.79 11.98 24.90
C LYS B 76 -5.38 13.30 24.27
N GLU B 77 -4.64 14.12 25.00
CA GLU B 77 -4.22 15.42 24.47
C GLU B 77 -3.36 15.26 23.22
N LYS B 78 -2.56 14.20 23.17
CA LYS B 78 -1.72 13.98 22.00
C LYS B 78 -2.30 12.96 21.00
N ASN B 79 -3.46 12.39 21.32
CA ASN B 79 -4.12 11.41 20.46
C ASN B 79 -3.27 10.16 20.32
N LEU B 80 -2.58 9.78 21.39
CA LEU B 80 -1.72 8.61 21.36
C LEU B 80 -2.12 7.51 22.33
N LEU B 81 -1.76 6.28 21.99
CA LEU B 81 -2.01 5.13 22.83
C LEU B 81 -0.67 4.41 22.87
N HIS B 82 -0.16 4.15 24.07
CA HIS B 82 1.14 3.49 24.20
C HIS B 82 1.03 2.11 24.85
N VAL B 83 1.74 1.14 24.31
CA VAL B 83 1.77 -0.20 24.89
C VAL B 83 3.24 -0.57 25.02
N THR B 84 3.75 -0.53 26.24
CA THR B 84 5.16 -0.80 26.49
C THR B 84 5.47 -2.09 27.25
N ASP B 85 6.45 -2.83 26.74
CA ASP B 85 6.85 -4.07 27.40
C ASP B 85 8.36 -4.05 27.65
N THR B 86 8.78 -4.81 28.66
CA THR B 86 10.18 -4.92 29.03
C THR B 86 10.73 -6.24 28.53
N GLY B 87 10.26 -6.66 27.35
CA GLY B 87 10.71 -7.91 26.77
C GLY B 87 12.11 -7.85 26.19
N VAL B 88 12.39 -8.75 25.25
CA VAL B 88 13.69 -8.85 24.62
C VAL B 88 14.03 -7.66 23.71
N GLY B 89 13.02 -6.91 23.28
CA GLY B 89 13.27 -5.78 22.40
C GLY B 89 13.74 -6.23 21.01
N MET B 90 13.96 -5.27 20.11
CA MET B 90 14.41 -5.58 18.74
C MET B 90 15.59 -4.71 18.28
N THR B 91 16.50 -5.31 17.52
CA THR B 91 17.65 -4.57 16.99
C THR B 91 17.17 -3.84 15.74
N ARG B 92 17.93 -2.85 15.28
CA ARG B 92 17.56 -2.11 14.08
C ARG B 92 17.27 -3.07 12.92
N GLU B 93 18.17 -4.02 12.68
CA GLU B 93 18.00 -4.98 11.60
C GLU B 93 16.69 -5.75 11.76
N GLU B 94 16.32 -6.05 13.01
CA GLU B 94 15.10 -6.79 13.26
C GLU B 94 13.87 -5.93 13.00
N LEU B 95 13.95 -4.65 13.35
CA LEU B 95 12.84 -3.75 13.10
C LEU B 95 12.56 -3.77 11.60
N VAL B 96 13.62 -3.63 10.81
CA VAL B 96 13.50 -3.65 9.35
C VAL B 96 13.00 -4.99 8.82
N LYS B 97 13.68 -6.08 9.21
CA LYS B 97 13.32 -7.41 8.74
C LYS B 97 12.00 -7.94 9.28
N ASN B 98 11.89 -7.98 10.60
CA ASN B 98 10.71 -8.49 11.27
C ASN B 98 9.38 -7.84 10.99
N LEU B 99 9.36 -6.53 10.80
CA LEU B 99 8.12 -5.81 10.56
C LEU B 99 7.87 -5.43 9.10
N GLY B 100 8.90 -5.50 8.27
CA GLY B 100 8.73 -5.14 6.87
C GLY B 100 8.59 -6.31 5.90
N THR B 101 8.87 -7.52 6.39
CA THR B 101 8.78 -8.72 5.58
C THR B 101 8.12 -9.85 6.37
N ILE B 102 7.63 -10.86 5.66
N ILE B 102 7.62 -10.87 5.68
CA ILE B 102 6.97 -12.01 6.26
CA ILE B 102 6.99 -12.00 6.35
C ILE B 102 7.97 -13.14 6.49
C ILE B 102 7.89 -13.23 6.33
N GLY B 106 4.30 -20.44 5.57
CA GLY B 106 3.04 -20.56 4.88
C GLY B 106 2.43 -19.22 4.50
N THR B 107 3.29 -18.29 4.09
CA THR B 107 2.85 -16.95 3.68
C THR B 107 1.66 -17.01 2.73
N SER B 108 1.86 -17.68 1.60
CA SER B 108 0.83 -17.81 0.58
C SER B 108 -0.44 -18.48 1.12
N GLU B 109 -0.27 -19.68 1.66
CA GLU B 109 -1.38 -20.46 2.20
C GLU B 109 -2.29 -19.65 3.12
N PHE B 110 -1.74 -18.67 3.83
CA PHE B 110 -2.52 -17.86 4.74
C PHE B 110 -3.26 -16.73 4.04
N LEU B 111 -2.65 -16.16 3.00
CA LEU B 111 -3.30 -15.07 2.26
C LEU B 111 -4.56 -15.63 1.61
N ASN B 112 -4.61 -16.95 1.47
CA ASN B 112 -5.76 -17.62 0.89
C ASN B 112 -6.82 -17.86 1.98
N LYS B 113 -6.37 -18.17 3.18
CA LYS B 113 -7.27 -18.41 4.30
C LYS B 113 -7.82 -17.09 4.82
N SER B 123 -14.55 -16.55 11.34
CA SER B 123 -13.80 -15.58 12.14
C SER B 123 -12.33 -15.63 11.76
N THR B 124 -11.74 -14.51 11.36
CA THR B 124 -10.33 -14.56 11.01
C THR B 124 -9.47 -13.90 12.09
N SER B 125 -10.09 -13.56 13.23
CA SER B 125 -9.35 -12.93 14.33
C SER B 125 -8.44 -13.96 14.99
N GLU B 126 -8.78 -15.23 14.89
CA GLU B 126 -7.96 -16.28 15.49
C GLU B 126 -6.78 -16.62 14.59
N LEU B 127 -7.05 -16.74 13.29
CA LEU B 127 -6.03 -17.07 12.31
C LEU B 127 -4.87 -16.07 12.34
N ILE B 128 -5.20 -14.80 12.52
CA ILE B 128 -4.19 -13.74 12.58
C ILE B 128 -3.16 -14.04 13.66
N GLY B 129 -3.65 -14.46 14.82
CA GLY B 129 -2.75 -14.78 15.92
C GLY B 129 -1.89 -15.97 15.57
N GLN B 130 -2.53 -17.04 15.11
CA GLN B 130 -1.83 -18.26 14.75
C GLN B 130 -0.73 -18.01 13.72
N PHE B 131 -1.00 -17.16 12.74
CA PHE B 131 -0.03 -16.88 11.70
C PHE B 131 1.05 -15.88 12.10
N GLY B 132 0.96 -15.38 13.34
CA GLY B 132 1.95 -14.43 13.82
C GLY B 132 1.99 -13.07 13.14
N VAL B 133 0.84 -12.56 12.71
CA VAL B 133 0.80 -11.26 12.03
C VAL B 133 -0.18 -10.29 12.70
N GLY B 134 -0.46 -10.52 13.97
CA GLY B 134 -1.36 -9.66 14.72
C GLY B 134 -0.93 -8.20 14.82
N PHE B 135 0.38 -7.94 14.68
CA PHE B 135 0.90 -6.57 14.76
C PHE B 135 0.22 -5.59 13.79
N TYR B 136 0.05 -6.01 12.55
CA TYR B 136 -0.56 -5.16 11.54
C TYR B 136 -2.01 -4.78 11.83
N SER B 137 -2.64 -5.46 12.78
CA SER B 137 -4.02 -5.12 13.13
C SER B 137 -4.08 -3.73 13.78
N ALA B 138 -2.92 -3.22 14.19
CA ALA B 138 -2.87 -1.89 14.80
C ALA B 138 -3.38 -0.85 13.80
N PHE B 139 -3.17 -1.13 12.50
CA PHE B 139 -3.60 -0.23 11.43
C PHE B 139 -5.11 -0.17 11.29
N LEU B 140 -5.83 -1.01 12.05
CA LEU B 140 -7.28 -0.95 12.01
C LEU B 140 -7.72 0.31 12.73
N VAL B 141 -6.92 0.75 13.71
CA VAL B 141 -7.27 1.93 14.49
C VAL B 141 -6.26 3.07 14.46
N ALA B 142 -5.16 2.89 13.75
CA ALA B 142 -4.15 3.94 13.71
C ALA B 142 -3.72 4.42 12.35
N ASP B 143 -3.57 5.74 12.24
CA ASP B 143 -3.12 6.36 11.01
C ASP B 143 -1.61 6.14 10.94
N LYS B 144 -0.96 6.14 12.10
CA LYS B 144 0.47 5.91 12.15
C LYS B 144 0.81 5.00 13.31
N VAL B 145 1.78 4.11 13.07
CA VAL B 145 2.23 3.17 14.08
C VAL B 145 3.72 3.44 14.28
N ILE B 146 4.13 3.60 15.53
CA ILE B 146 5.52 3.87 15.84
C ILE B 146 6.04 2.82 16.79
N VAL B 147 7.20 2.25 16.45
CA VAL B 147 7.80 1.22 17.29
C VAL B 147 9.17 1.61 17.80
N THR B 148 9.25 1.87 19.10
CA THR B 148 10.49 2.24 19.74
C THR B 148 10.94 1.01 20.52
N SER B 149 12.13 0.53 20.24
CA SER B 149 12.62 -0.64 20.91
C SER B 149 14.11 -0.57 21.25
N LYS B 150 14.47 -1.19 22.35
CA LYS B 150 15.85 -1.23 22.82
C LYS B 150 16.20 -2.68 23.11
N HIS B 151 17.15 -3.22 22.33
CA HIS B 151 17.60 -4.60 22.51
C HIS B 151 18.98 -4.57 23.17
N ASN B 152 19.31 -5.62 23.91
CA ASN B 152 20.60 -5.70 24.58
C ASN B 152 21.76 -5.54 23.61
N ASN B 153 21.65 -6.11 22.41
CA ASN B 153 22.73 -6.03 21.44
C ASN B 153 22.77 -4.81 20.52
N ASP B 154 21.98 -3.79 20.81
CA ASP B 154 21.99 -2.61 19.95
C ASP B 154 21.52 -1.36 20.69
N THR B 155 21.47 -0.24 19.99
CA THR B 155 21.02 1.01 20.58
C THR B 155 19.53 1.17 20.30
N GLN B 156 18.87 2.01 21.08
CA GLN B 156 17.45 2.23 20.89
C GLN B 156 17.18 2.81 19.51
N HIS B 157 16.22 2.23 18.79
CA HIS B 157 15.87 2.73 17.46
C HIS B 157 14.38 2.95 17.40
N ILE B 158 13.94 3.62 16.33
CA ILE B 158 12.55 3.93 16.16
C ILE B 158 12.09 3.55 14.75
N TRP B 159 11.00 2.78 14.67
CA TRP B 159 10.41 2.35 13.41
C TRP B 159 9.09 3.12 13.31
N GLU B 160 8.85 3.74 12.16
CA GLU B 160 7.59 4.46 11.99
C GLU B 160 7.00 4.14 10.63
N SER B 161 5.68 4.19 10.55
CA SER B 161 5.00 3.87 9.33
C SER B 161 3.54 4.27 9.31
N ASP B 162 3.08 4.73 8.15
CA ASP B 162 1.68 5.10 7.97
C ASP B 162 1.09 4.04 7.05
N SER B 163 1.79 2.91 6.94
CA SER B 163 1.44 1.75 6.12
C SER B 163 1.84 1.89 4.64
N ASN B 164 2.19 3.09 4.19
CA ASN B 164 2.57 3.27 2.80
C ASN B 164 4.06 3.15 2.60
N GLU B 165 4.77 3.08 3.73
CA GLU B 165 6.22 2.95 3.75
C GLU B 165 6.59 2.92 5.23
N PHE B 166 7.88 2.82 5.52
CA PHE B 166 8.32 2.83 6.90
C PHE B 166 9.78 3.23 6.95
N SER B 167 10.20 3.80 8.08
N SER B 167 10.17 3.76 8.12
CA SER B 167 11.60 4.20 8.23
CA SER B 167 11.53 4.22 8.32
C SER B 167 12.11 3.81 9.61
C SER B 167 12.09 3.75 9.65
N VAL B 168 13.43 3.64 9.72
CA VAL B 168 14.06 3.26 10.96
C VAL B 168 15.22 4.22 11.21
N ILE B 169 15.25 4.79 12.41
CA ILE B 169 16.30 5.74 12.76
C ILE B 169 16.74 5.48 14.19
N ALA B 170 17.96 5.92 14.49
CA ALA B 170 18.49 5.77 15.84
C ALA B 170 17.66 6.74 16.66
N ASP B 171 17.31 6.37 17.89
CA ASP B 171 16.52 7.25 18.73
C ASP B 171 17.39 8.34 19.33
N PRO B 172 17.31 9.58 18.81
CA PRO B 172 18.11 10.68 19.33
C PRO B 172 17.93 10.90 20.82
N ARG B 173 16.92 10.26 21.41
CA ARG B 173 16.66 10.38 22.84
C ARG B 173 17.58 9.45 23.61
N GLY B 174 18.30 8.60 22.88
CA GLY B 174 19.19 7.67 23.55
C GLY B 174 18.46 6.50 24.19
N ASN B 175 19.14 5.78 25.07
CA ASN B 175 18.55 4.64 25.72
C ASN B 175 17.63 5.08 26.86
N THR B 176 16.32 5.14 26.59
CA THR B 176 15.36 5.55 27.60
C THR B 176 14.47 4.39 28.04
N LEU B 177 14.55 3.28 27.32
CA LEU B 177 13.73 2.14 27.63
C LEU B 177 14.45 1.12 28.52
N GLY B 178 15.78 1.13 28.48
CA GLY B 178 16.54 0.18 29.27
C GLY B 178 16.57 -1.10 28.43
N ARG B 179 15.38 -1.65 28.18
CA ARG B 179 15.21 -2.85 27.36
C ARG B 179 13.72 -3.05 27.11
N GLY B 180 13.36 -3.38 25.89
CA GLY B 180 11.95 -3.56 25.59
C GLY B 180 11.46 -2.76 24.40
N THR B 181 10.14 -2.71 24.27
CA THR B 181 9.51 -2.03 23.14
C THR B 181 8.27 -1.23 23.52
N THR B 182 8.08 -0.11 22.83
CA THR B 182 6.88 0.69 23.03
C THR B 182 6.16 0.75 21.68
N ILE B 183 4.87 0.41 21.69
CA ILE B 183 4.08 0.50 20.47
C ILE B 183 3.25 1.75 20.66
N THR B 184 3.52 2.76 19.85
CA THR B 184 2.79 4.03 19.92
C THR B 184 1.82 4.16 18.75
N LEU B 185 0.55 4.36 19.06
CA LEU B 185 -0.45 4.50 18.01
C LEU B 185 -1.07 5.91 17.91
N VAL B 186 -1.02 6.49 16.72
CA VAL B 186 -1.61 7.79 16.46
C VAL B 186 -2.97 7.36 15.93
N LEU B 187 -3.97 7.40 16.81
CA LEU B 187 -5.32 6.96 16.49
C LEU B 187 -6.07 7.72 15.40
N LYS B 188 -6.83 6.97 14.60
CA LYS B 188 -7.66 7.56 13.55
C LYS B 188 -8.74 8.32 14.31
N GLU B 189 -9.41 9.26 13.65
CA GLU B 189 -10.44 10.01 14.36
C GLU B 189 -11.61 9.12 14.78
N GLU B 190 -11.90 8.11 13.96
N GLU B 190 -11.92 8.12 13.97
CA GLU B 190 -12.99 7.18 14.24
CA GLU B 190 -13.03 7.21 14.29
C GLU B 190 -12.64 6.20 15.36
C GLU B 190 -12.67 6.25 15.42
N ALA B 191 -11.42 6.28 15.86
CA ALA B 191 -10.96 5.40 16.93
C ALA B 191 -10.63 6.16 18.21
N SER B 192 -11.24 7.33 18.37
CA SER B 192 -11.03 8.19 19.55
C SER B 192 -11.44 7.51 20.84
N ASP B 193 -12.29 6.50 20.70
CA ASP B 193 -12.80 5.73 21.82
C ASP B 193 -11.69 5.08 22.65
N TYR B 194 -10.57 4.76 22.02
CA TYR B 194 -9.49 4.09 22.73
C TYR B 194 -8.57 4.99 23.51
N LEU B 195 -8.98 6.23 23.70
CA LEU B 195 -8.20 7.19 24.47
C LEU B 195 -8.85 7.35 25.84
N GLU B 196 -10.04 6.77 26.00
CA GLU B 196 -10.80 6.83 27.26
C GLU B 196 -10.42 5.68 28.20
N LEU B 197 -10.08 6.00 29.44
CA LEU B 197 -9.67 5.00 30.43
C LEU B 197 -10.57 3.80 30.64
N ASP B 198 -11.85 4.05 30.86
CA ASP B 198 -12.78 2.96 31.10
C ASP B 198 -12.81 1.96 29.94
N THR B 199 -12.76 2.47 28.71
CA THR B 199 -12.78 1.61 27.54
C THR B 199 -11.50 0.76 27.49
N ILE B 200 -10.37 1.40 27.77
CA ILE B 200 -9.09 0.69 27.74
C ILE B 200 -8.92 -0.30 28.88
N LYS B 201 -9.34 0.09 30.09
CA LYS B 201 -9.22 -0.83 31.22
C LYS B 201 -10.04 -2.09 30.97
N ASN B 202 -11.27 -1.90 30.54
N ASN B 202 -11.28 -1.92 30.55
CA ASN B 202 -12.17 -3.02 30.26
CA ASN B 202 -12.15 -3.06 30.28
C ASN B 202 -11.56 -3.99 29.25
C ASN B 202 -11.54 -4.01 29.25
N LEU B 203 -10.99 -3.45 28.19
CA LEU B 203 -10.38 -4.27 27.14
C LEU B 203 -9.09 -4.96 27.61
N VAL B 204 -8.26 -4.21 28.32
CA VAL B 204 -6.99 -4.76 28.81
C VAL B 204 -7.27 -5.90 29.80
N LYS B 205 -8.29 -5.71 30.63
CA LYS B 205 -8.69 -6.69 31.63
C LYS B 205 -9.11 -7.99 30.93
N LYS B 206 -9.77 -7.86 29.78
CA LYS B 206 -10.22 -9.01 29.04
C LYS B 206 -9.10 -9.74 28.31
N TYR B 207 -8.19 -8.98 27.70
CA TYR B 207 -7.08 -9.57 26.95
C TYR B 207 -5.85 -9.95 27.76
N SER B 208 -5.84 -9.65 29.05
CA SER B 208 -4.68 -9.95 29.90
C SER B 208 -4.88 -11.11 30.88
N GLN B 209 -6.12 -11.56 31.04
CA GLN B 209 -6.43 -12.64 31.96
C GLN B 209 -5.54 -13.88 31.91
N PHE B 210 -5.11 -14.27 30.73
CA PHE B 210 -4.27 -15.45 30.60
C PHE B 210 -2.81 -15.18 30.20
N ILE B 211 -2.36 -13.95 30.44
CA ILE B 211 -0.98 -13.57 30.16
C ILE B 211 -0.28 -13.68 31.51
N ASN B 212 0.85 -14.39 31.55
CA ASN B 212 1.57 -14.61 32.81
C ASN B 212 2.57 -13.54 33.26
N PHE B 213 2.33 -12.30 32.85
CA PHE B 213 3.19 -11.19 33.24
C PHE B 213 2.21 -10.12 33.66
N PRO B 214 2.57 -9.29 34.66
CA PRO B 214 1.66 -8.23 35.11
C PRO B 214 1.48 -7.09 34.12
N ILE B 215 0.22 -6.77 33.84
CA ILE B 215 -0.12 -5.71 32.91
C ILE B 215 -0.80 -4.56 33.65
N TYR B 216 -0.22 -3.37 33.53
CA TYR B 216 -0.72 -2.17 34.19
C TYR B 216 -1.22 -1.11 33.20
N VAL B 217 -2.21 -0.33 33.64
CA VAL B 217 -2.75 0.75 32.82
C VAL B 217 -2.60 2.01 33.66
N TRP B 218 -1.99 3.05 33.08
CA TRP B 218 -1.81 4.31 33.78
C TRP B 218 -3.21 4.87 34.03
N SER B 219 -3.62 4.93 35.30
CA SER B 219 -4.95 5.41 35.66
C SER B 219 -5.00 6.50 36.73
N SER B 220 -6.15 7.17 36.81
CA SER B 220 -6.38 8.24 37.77
C SER B 220 -7.15 7.73 38.98
N LYS B 221 -6.84 8.30 40.15
CA LYS B 221 -7.51 7.92 41.39
C LYS B 221 -7.67 9.16 42.27
N THR B 228 -6.77 13.85 43.18
CA THR B 228 -6.63 13.34 41.82
C THR B 228 -5.19 12.90 41.55
N VAL B 229 -4.85 11.67 41.96
CA VAL B 229 -3.51 11.14 41.77
C VAL B 229 -3.45 10.10 40.66
N TRP B 230 -2.35 10.09 39.91
CA TRP B 230 -2.17 9.13 38.83
C TRP B 230 -1.10 8.11 39.16
N ASP B 231 -1.32 6.88 38.74
CA ASP B 231 -0.37 5.80 39.00
C ASP B 231 -0.73 4.52 38.24
N TRP B 232 0.13 3.51 38.31
CA TRP B 232 -0.09 2.24 37.63
C TRP B 232 -1.14 1.37 38.33
N GLU B 233 -2.13 0.93 37.56
CA GLU B 233 -3.19 0.08 38.09
C GLU B 233 -3.08 -1.32 37.47
N LEU B 234 -2.88 -2.33 38.30
CA LEU B 234 -2.75 -3.71 37.85
C LEU B 234 -4.07 -4.21 37.27
N MET B 235 -4.01 -4.79 36.07
CA MET B 235 -5.18 -5.30 35.36
C MET B 235 -5.38 -6.81 35.44
N ASN B 236 -4.31 -7.56 35.71
CA ASN B 236 -4.43 -9.01 35.77
C ASN B 236 -3.75 -9.62 36.99
#